data_3WPA
#
_entry.id   3WPA
#
_cell.length_a   46.663
_cell.length_b   46.663
_cell.length_c   406.110
_cell.angle_alpha   90.00
_cell.angle_beta   90.00
_cell.angle_gamma   120.00
#
_symmetry.space_group_name_H-M   'P 3 2 1'
#
loop_
_entity.id
_entity.type
_entity.pdbx_description
1 polymer 'Trimeric autotransporter adhesin'
2 non-polymer 'CHLORIDE ION'
3 water water
#
_entity_poly.entity_id   1
_entity_poly.type   'polypeptide(L)'
_entity_poly.pdbx_seq_one_letter_code
;MKQIEDKIEEILSKIYHIENEIARIKKLIKAVGNQVVTTQTTLVNSLGGNAKVNADGTITGPTYNVAQGNQTNVGDALTA
LDNAINTAATTSKSTVSNGQNIVVSKSKNADGSDNYEVSTAKDLTVDSVKAGDTVLNNAGITIGNNAVVLNNTGLTISGG
PSVTLAGIDAGNKTIQNVANAVNATDAVNKGQLDSAINNVNNNVNELANNAVKYDDASKDKITLGGGATGTTITNVKDGT
VAQGSKDAVNGGQLWNVQQQVDQNTTDISNIKNDINNGTVGLVQQAGKDAPVTVAKDTGGTTVNVAGTDGNRVVTGVKEG
AVNATSKDAVNGSQLNTTNQAVVNYLGGGAGYDNITGSFTAPSYTVGDSKYNNVGGAIDALNQADQALNSKIDNVSNKLD
NAFRITNNRIDDVEKKANAGIHHHHHH
;
_entity_poly.pdbx_strand_id   A
#
# COMPACT_ATOMS: atom_id res chain seq x y z
N ASN A 65 -32.84 -138.21 -43.56
CA ASN A 65 -33.23 -136.79 -43.33
C ASN A 65 -32.27 -136.08 -42.36
N VAL A 66 -31.04 -135.87 -42.82
CA VAL A 66 -30.03 -135.11 -42.08
C VAL A 66 -29.46 -134.00 -42.96
N ALA A 67 -29.05 -132.90 -42.33
CA ALA A 67 -28.68 -131.67 -43.03
C ALA A 67 -29.88 -131.06 -43.77
N GLN A 68 -31.09 -131.46 -43.34
CA GLN A 68 -32.35 -131.03 -43.94
C GLN A 68 -32.45 -131.30 -45.45
N GLY A 69 -31.76 -132.34 -45.90
CA GLY A 69 -31.86 -132.83 -47.28
C GLY A 69 -32.49 -134.21 -47.25
N ASN A 70 -32.36 -134.96 -48.34
CA ASN A 70 -32.85 -136.33 -48.39
C ASN A 70 -31.90 -137.25 -49.14
N GLN A 71 -31.63 -138.42 -48.55
CA GLN A 71 -30.63 -139.36 -49.05
C GLN A 71 -31.19 -140.77 -49.13
N THR A 72 -30.58 -141.59 -49.98
CA THR A 72 -30.95 -143.00 -50.11
C THR A 72 -29.82 -143.94 -49.65
N ASN A 73 -28.80 -143.38 -49.01
CA ASN A 73 -27.67 -144.15 -48.49
C ASN A 73 -26.87 -143.36 -47.46
N VAL A 74 -26.03 -144.06 -46.70
CA VAL A 74 -25.19 -143.42 -45.67
C VAL A 74 -24.05 -142.59 -46.26
N GLY A 75 -23.57 -142.99 -47.44
CA GLY A 75 -22.51 -142.25 -48.14
C GLY A 75 -22.91 -140.83 -48.48
N ASP A 76 -24.17 -140.64 -48.88
CA ASP A 76 -24.71 -139.32 -49.16
C ASP A 76 -25.01 -138.55 -47.86
N ALA A 77 -25.53 -139.24 -46.85
CA ALA A 77 -25.88 -138.64 -45.57
C ALA A 77 -24.65 -138.21 -44.75
N LEU A 78 -23.55 -138.96 -44.89
CA LEU A 78 -22.32 -138.64 -44.17
C LEU A 78 -21.65 -137.37 -44.71
N THR A 79 -21.62 -137.22 -46.03
CA THR A 79 -21.11 -136.01 -46.66
C THR A 79 -22.07 -134.83 -46.49
N ALA A 80 -23.35 -135.12 -46.31
CA ALA A 80 -24.36 -134.09 -46.03
C ALA A 80 -24.11 -133.45 -44.66
N LEU A 81 -23.82 -134.29 -43.66
CA LEU A 81 -23.44 -133.81 -42.34
C LEU A 81 -22.12 -133.04 -42.41
N ASP A 82 -21.14 -133.59 -43.14
CA ASP A 82 -19.87 -132.92 -43.37
C ASP A 82 -20.06 -131.53 -43.96
N ASN A 83 -20.97 -131.41 -44.93
CA ASN A 83 -21.30 -130.13 -45.55
C ASN A 83 -22.10 -129.20 -44.62
N ALA A 84 -22.77 -129.78 -43.63
CA ALA A 84 -23.44 -128.99 -42.60
C ALA A 84 -22.44 -128.36 -41.62
N ILE A 85 -21.23 -128.92 -41.55
CA ILE A 85 -20.20 -128.40 -40.64
C ILE A 85 -19.50 -127.21 -41.26
N ASN A 86 -19.08 -127.32 -42.52
CA ASN A 86 -18.36 -126.24 -43.19
C ASN A 86 -19.18 -124.94 -43.30
N THR A 87 -20.50 -125.07 -43.38
CA THR A 87 -21.38 -123.90 -43.35
C THR A 87 -21.52 -123.38 -41.93
N ALA A 88 -21.90 -124.26 -41.00
CA ALA A 88 -22.08 -123.91 -39.60
C ALA A 88 -20.82 -123.31 -38.97
N ALA A 89 -19.68 -123.93 -39.24
CA ALA A 89 -18.40 -123.44 -38.73
C ALA A 89 -18.05 -122.07 -39.32
N THR A 90 -18.33 -121.89 -40.60
CA THR A 90 -18.01 -120.65 -41.29
C THR A 90 -18.97 -119.51 -40.91
N THR A 91 -20.27 -119.78 -40.98
CA THR A 91 -21.28 -118.76 -40.73
C THR A 91 -21.42 -118.38 -39.25
N SER A 92 -20.98 -119.25 -38.34
CA SER A 92 -21.06 -118.97 -36.90
C SER A 92 -19.85 -118.21 -36.37
N LYS A 93 -18.83 -118.03 -37.20
CA LYS A 93 -17.62 -117.34 -36.77
C LYS A 93 -17.78 -115.83 -36.94
N SER A 94 -18.33 -115.19 -35.90
CA SER A 94 -18.59 -113.75 -35.91
C SER A 94 -17.28 -112.98 -35.89
N THR A 95 -17.25 -111.84 -36.57
CA THR A 95 -16.09 -110.95 -36.57
C THR A 95 -16.47 -109.59 -36.01
N VAL A 96 -15.46 -108.85 -35.58
CA VAL A 96 -15.63 -107.48 -35.07
C VAL A 96 -14.63 -106.58 -35.78
N SER A 97 -15.10 -105.41 -36.21
CA SER A 97 -14.22 -104.41 -36.83
C SER A 97 -14.35 -103.07 -36.13
N ASN A 98 -13.43 -102.16 -36.44
CA ASN A 98 -13.43 -100.81 -35.85
C ASN A 98 -14.05 -99.75 -36.75
N GLY A 99 -14.82 -98.87 -36.14
CA GLY A 99 -15.29 -97.65 -36.79
C GLY A 99 -14.65 -96.46 -36.12
N GLN A 100 -15.30 -95.30 -36.19
CA GLN A 100 -14.71 -94.06 -35.70
C GLN A 100 -14.42 -94.13 -34.20
N ASN A 101 -13.20 -93.70 -33.85
CA ASN A 101 -12.74 -93.61 -32.45
C ASN A 101 -12.51 -94.94 -31.74
N ILE A 102 -12.50 -96.04 -32.49
CA ILE A 102 -12.37 -97.37 -31.91
C ILE A 102 -11.18 -98.09 -32.54
N VAL A 103 -10.47 -98.87 -31.72
CA VAL A 103 -9.41 -99.74 -32.20
C VAL A 103 -9.75 -101.17 -31.79
N VAL A 104 -9.68 -102.08 -32.75
CA VAL A 104 -10.00 -103.50 -32.53
C VAL A 104 -8.77 -104.33 -32.83
N SER A 105 -8.32 -105.09 -31.83
CA SER A 105 -7.14 -105.94 -31.96
C SER A 105 -7.57 -107.40 -31.96
N LYS A 106 -7.39 -108.06 -33.10
CA LYS A 106 -7.76 -109.47 -33.26
C LYS A 106 -6.61 -110.39 -32.82
N SER A 107 -6.86 -111.20 -31.80
CA SER A 107 -5.91 -112.22 -31.34
C SER A 107 -6.57 -113.59 -31.40
N LYS A 108 -5.85 -114.62 -30.94
CA LYS A 108 -6.36 -115.99 -30.92
C LYS A 108 -6.34 -116.55 -29.50
N ASN A 109 -7.48 -117.04 -29.03
CA ASN A 109 -7.61 -117.61 -27.69
C ASN A 109 -6.84 -118.94 -27.56
N ALA A 110 -6.88 -119.52 -26.36
CA ALA A 110 -6.16 -120.78 -26.07
C ALA A 110 -6.81 -122.02 -26.69
N ASP A 111 -7.96 -121.85 -27.35
CA ASP A 111 -8.69 -122.96 -27.96
C ASP A 111 -8.91 -122.77 -29.47
N GLY A 112 -8.03 -121.99 -30.11
CA GLY A 112 -8.11 -121.76 -31.56
C GLY A 112 -9.07 -120.68 -32.03
N SER A 113 -10.04 -120.32 -31.19
CA SER A 113 -11.01 -119.27 -31.52
C SER A 113 -10.36 -117.89 -31.45
N ASP A 114 -11.04 -116.90 -32.03
CA ASP A 114 -10.53 -115.54 -32.09
C ASP A 114 -11.10 -114.67 -30.97
N ASN A 115 -10.26 -113.78 -30.43
CA ASN A 115 -10.69 -112.73 -29.51
C ASN A 115 -10.56 -111.39 -30.19
N TYR A 116 -11.52 -110.51 -29.96
CA TYR A 116 -11.46 -109.13 -30.46
C TYR A 116 -11.42 -108.17 -29.27
N GLU A 117 -10.27 -107.56 -29.03
CA GLU A 117 -10.14 -106.57 -27.96
C GLU A 117 -10.60 -105.23 -28.50
N VAL A 118 -11.50 -104.57 -27.77
CA VAL A 118 -12.04 -103.27 -28.19
C VAL A 118 -11.53 -102.18 -27.25
N SER A 119 -10.86 -101.19 -27.84
CA SER A 119 -10.35 -100.01 -27.12
C SER A 119 -10.84 -98.77 -27.86
N THR A 120 -10.77 -97.61 -27.22
CA THR A 120 -10.92 -96.37 -27.97
C THR A 120 -9.58 -96.00 -28.56
N ALA A 121 -9.63 -95.18 -29.61
CA ALA A 121 -8.47 -94.44 -30.06
C ALA A 121 -7.99 -93.54 -28.92
N LYS A 122 -6.74 -93.11 -29.00
CA LYS A 122 -6.17 -92.21 -28.01
C LYS A 122 -6.49 -90.74 -28.34
N ASP A 123 -6.74 -90.47 -29.62
CA ASP A 123 -7.13 -89.15 -30.07
C ASP A 123 -8.57 -89.24 -30.60
N LEU A 124 -9.52 -88.65 -29.87
CA LEU A 124 -10.93 -88.75 -30.23
C LEU A 124 -11.39 -87.56 -31.07
N THR A 125 -12.22 -87.86 -32.07
CA THR A 125 -12.83 -86.85 -32.91
C THR A 125 -14.33 -87.03 -32.77
N VAL A 126 -14.98 -86.05 -32.16
CA VAL A 126 -16.40 -86.12 -31.85
C VAL A 126 -17.09 -84.80 -32.18
N ASP A 127 -18.41 -84.78 -32.06
CA ASP A 127 -19.16 -83.52 -32.17
C ASP A 127 -19.24 -82.83 -30.80
N SER A 128 -19.29 -83.63 -29.73
CA SER A 128 -19.41 -83.05 -28.39
C SER A 128 -19.07 -84.06 -27.32
N VAL A 129 -18.76 -83.54 -26.14
CA VAL A 129 -18.59 -84.31 -24.93
C VAL A 129 -19.31 -83.55 -23.82
N LYS A 130 -20.18 -84.25 -23.10
CA LYS A 130 -20.82 -83.68 -21.93
C LYS A 130 -20.34 -84.44 -20.70
N ALA A 131 -19.69 -83.72 -19.80
CA ALA A 131 -19.11 -84.31 -18.59
C ALA A 131 -19.82 -83.67 -17.40
N GLY A 132 -20.73 -84.42 -16.79
CA GLY A 132 -21.67 -83.82 -15.85
C GLY A 132 -22.48 -82.78 -16.61
N ASP A 133 -22.50 -81.55 -16.11
CA ASP A 133 -23.16 -80.44 -16.80
C ASP A 133 -22.22 -79.60 -17.67
N THR A 134 -20.94 -79.97 -17.73
CA THR A 134 -19.96 -79.23 -18.54
C THR A 134 -20.01 -79.75 -19.97
N VAL A 135 -20.09 -78.84 -20.93
CA VAL A 135 -20.23 -79.23 -22.33
C VAL A 135 -19.02 -78.75 -23.11
N LEU A 136 -18.37 -79.68 -23.81
CA LEU A 136 -17.31 -79.39 -24.74
C LEU A 136 -17.83 -79.62 -26.17
N ASN A 137 -17.77 -78.59 -26.99
CA ASN A 137 -18.15 -78.71 -28.40
C ASN A 137 -17.51 -77.61 -29.25
N ASN A 138 -17.95 -77.46 -30.50
CA ASN A 138 -17.37 -76.48 -31.40
C ASN A 138 -17.42 -75.05 -30.86
N ALA A 139 -18.43 -74.75 -30.07
CA ALA A 139 -18.58 -73.41 -29.48
C ALA A 139 -17.56 -73.14 -28.36
N GLY A 140 -17.10 -74.20 -27.70
CA GLY A 140 -16.09 -74.07 -26.64
C GLY A 140 -16.47 -74.89 -25.43
N ILE A 141 -16.49 -74.24 -24.27
CA ILE A 141 -16.82 -74.86 -22.99
C ILE A 141 -17.94 -74.09 -22.31
N THR A 142 -19.00 -74.78 -21.91
CA THR A 142 -19.99 -74.15 -21.03
C THR A 142 -20.04 -74.95 -19.74
N ILE A 143 -20.15 -74.25 -18.63
CA ILE A 143 -20.23 -74.88 -17.31
C ILE A 143 -21.56 -74.51 -16.67
N GLY A 144 -22.30 -75.53 -16.23
CA GLY A 144 -23.62 -75.34 -15.61
C GLY A 144 -24.61 -74.72 -16.60
N ASN A 145 -25.51 -73.91 -16.08
CA ASN A 145 -26.52 -73.26 -16.90
C ASN A 145 -25.94 -71.97 -17.49
N ASN A 146 -24.92 -72.13 -18.34
CA ASN A 146 -24.08 -71.00 -18.74
C ASN A 146 -23.61 -70.14 -17.56
N ALA A 147 -23.32 -70.78 -16.43
CA ALA A 147 -22.75 -70.09 -15.29
C ALA A 147 -21.40 -69.47 -15.68
N VAL A 148 -20.63 -70.25 -16.43
CA VAL A 148 -19.38 -69.80 -17.03
C VAL A 148 -19.36 -70.29 -18.47
N VAL A 149 -19.05 -69.38 -19.39
CA VAL A 149 -18.99 -69.74 -20.79
C VAL A 149 -17.63 -69.32 -21.34
N LEU A 150 -16.99 -70.25 -22.03
CA LEU A 150 -15.81 -69.96 -22.81
C LEU A 150 -16.14 -70.26 -24.26
N ASN A 151 -16.17 -69.23 -25.09
CA ASN A 151 -16.41 -69.40 -26.52
C ASN A 151 -15.40 -68.60 -27.34
N ASN A 152 -15.60 -68.50 -28.65
CA ASN A 152 -14.61 -67.84 -29.50
C ASN A 152 -14.54 -66.32 -29.29
N THR A 153 -15.41 -65.77 -28.43
CA THR A 153 -15.33 -64.37 -28.00
C THR A 153 -14.58 -64.15 -26.70
N GLY A 154 -14.38 -65.21 -25.92
CA GLY A 154 -13.71 -65.10 -24.63
C GLY A 154 -14.53 -65.71 -23.50
N LEU A 155 -14.42 -65.11 -22.32
CA LEU A 155 -14.88 -65.68 -21.07
C LEU A 155 -15.95 -64.81 -20.46
N THR A 156 -17.07 -65.42 -20.12
CA THR A 156 -18.19 -64.72 -19.50
C THR A 156 -18.66 -65.49 -18.29
N ILE A 157 -18.77 -64.78 -17.17
CA ILE A 157 -19.27 -65.34 -15.93
C ILE A 157 -20.60 -64.69 -15.60
N SER A 158 -21.66 -65.49 -15.56
CA SER A 158 -22.99 -64.97 -15.19
C SER A 158 -23.00 -64.36 -13.78
N GLY A 159 -23.35 -63.08 -13.70
CA GLY A 159 -23.32 -62.34 -12.43
C GLY A 159 -21.91 -62.01 -11.99
N GLY A 160 -20.98 -61.99 -12.93
CA GLY A 160 -19.59 -61.74 -12.63
C GLY A 160 -18.89 -60.98 -13.74
N PRO A 161 -17.58 -60.86 -13.65
CA PRO A 161 -16.81 -60.22 -14.71
C PRO A 161 -16.81 -60.98 -16.02
N SER A 162 -16.35 -60.32 -17.07
CA SER A 162 -16.12 -60.98 -18.36
C SER A 162 -14.89 -60.40 -19.03
N VAL A 163 -14.27 -61.22 -19.86
CA VAL A 163 -13.12 -60.85 -20.68
C VAL A 163 -13.41 -61.38 -22.07
N THR A 164 -13.83 -60.48 -22.95
CA THR A 164 -14.23 -60.83 -24.31
C THR A 164 -13.72 -59.81 -25.31
N LEU A 165 -14.02 -60.06 -26.59
CA LEU A 165 -13.71 -59.11 -27.67
C LEU A 165 -14.24 -57.70 -27.37
N ALA A 166 -15.34 -57.62 -26.63
CA ALA A 166 -15.93 -56.34 -26.25
C ALA A 166 -15.10 -55.59 -25.22
N GLY A 167 -14.18 -56.29 -24.56
CA GLY A 167 -13.32 -55.69 -23.56
C GLY A 167 -13.48 -56.42 -22.25
N ILE A 168 -12.91 -55.83 -21.21
CA ILE A 168 -13.02 -56.38 -19.87
C ILE A 168 -14.14 -55.66 -19.12
N ASP A 169 -15.04 -56.44 -18.55
CA ASP A 169 -16.09 -55.95 -17.66
C ASP A 169 -15.75 -56.46 -16.26
N ALA A 170 -15.54 -55.51 -15.34
CA ALA A 170 -15.06 -55.82 -14.00
C ALA A 170 -16.19 -56.22 -13.05
N GLY A 171 -17.43 -56.18 -13.55
CA GLY A 171 -18.57 -56.75 -12.85
C GLY A 171 -18.99 -56.01 -11.60
N ASN A 172 -18.71 -54.71 -11.57
N ASN A 172 -18.74 -54.71 -11.55
CA ASN A 172 -19.02 -53.85 -10.42
CA ASN A 172 -19.06 -53.88 -10.39
C ASN A 172 -18.40 -54.37 -9.13
C ASN A 172 -18.39 -54.36 -9.12
N LYS A 173 -17.14 -54.82 -9.26
CA LYS A 173 -16.29 -55.19 -8.14
C LYS A 173 -15.02 -54.41 -8.36
N THR A 174 -14.24 -54.23 -7.30
CA THR A 174 -12.94 -53.59 -7.41
C THR A 174 -12.02 -54.49 -8.25
N ILE A 175 -11.04 -53.88 -8.90
CA ILE A 175 -9.93 -54.63 -9.50
C ILE A 175 -8.76 -54.50 -8.55
N GLN A 176 -8.28 -55.63 -8.04
CA GLN A 176 -7.28 -55.64 -6.97
C GLN A 176 -5.88 -55.98 -7.46
N ASN A 177 -4.88 -55.61 -6.65
CA ASN A 177 -3.48 -55.93 -6.93
C ASN A 177 -2.99 -55.47 -8.30
N VAL A 178 -3.29 -54.21 -8.60
CA VAL A 178 -2.84 -53.57 -9.82
C VAL A 178 -1.48 -52.92 -9.53
N ALA A 179 -0.45 -53.35 -10.25
CA ALA A 179 0.86 -52.72 -10.12
C ALA A 179 0.83 -51.32 -10.72
N ASN A 180 1.63 -50.41 -10.15
CA ASN A 180 1.72 -49.03 -10.62
C ASN A 180 1.84 -48.95 -12.13
N ALA A 181 0.97 -48.15 -12.75
CA ALA A 181 1.08 -47.85 -14.18
C ALA A 181 2.44 -47.25 -14.50
N VAL A 182 3.02 -47.69 -15.62
CA VAL A 182 4.26 -47.12 -16.13
C VAL A 182 4.02 -46.42 -17.47
N ASN A 183 3.34 -47.11 -18.37
CA ASN A 183 2.97 -46.57 -19.67
C ASN A 183 1.72 -45.72 -19.57
N ALA A 184 1.57 -44.79 -20.51
CA ALA A 184 0.39 -43.92 -20.58
C ALA A 184 -0.93 -44.70 -20.69
N THR A 185 -0.88 -45.89 -21.29
CA THR A 185 -2.06 -46.73 -21.45
C THR A 185 -2.24 -47.82 -20.38
N ASP A 186 -1.42 -47.79 -19.33
CA ASP A 186 -1.57 -48.72 -18.20
C ASP A 186 -2.64 -48.20 -17.25
N ALA A 187 -3.33 -49.10 -16.57
CA ALA A 187 -4.32 -48.69 -15.55
C ALA A 187 -3.64 -48.10 -14.32
N VAL A 188 -4.21 -47.05 -13.74
CA VAL A 188 -3.61 -46.48 -12.52
C VAL A 188 -4.28 -47.06 -11.27
N ASN A 189 -3.51 -47.20 -10.19
CA ASN A 189 -4.10 -47.59 -8.91
C ASN A 189 -4.33 -46.38 -7.98
N LYS A 190 -5.05 -46.63 -6.90
CA LYS A 190 -5.45 -45.56 -5.99
C LYS A 190 -4.25 -44.85 -5.36
N GLY A 191 -3.21 -45.61 -5.06
CA GLY A 191 -1.99 -45.03 -4.51
C GLY A 191 -1.39 -43.99 -5.43
N GLN A 192 -1.43 -44.25 -6.72
CA GLN A 192 -0.92 -43.31 -7.71
C GLN A 192 -1.79 -42.06 -7.83
N LEU A 193 -3.11 -42.25 -7.84
CA LEU A 193 -4.03 -41.12 -7.81
C LEU A 193 -3.75 -40.24 -6.60
N ASP A 194 -3.73 -40.86 -5.43
CA ASP A 194 -3.57 -40.15 -4.17
C ASP A 194 -2.25 -39.43 -4.09
N SER A 195 -1.18 -40.08 -4.54
CA SER A 195 0.14 -39.47 -4.52
C SER A 195 0.20 -38.24 -5.43
N ALA A 196 -0.35 -38.35 -6.63
CA ALA A 196 -0.37 -37.23 -7.57
C ALA A 196 -1.22 -36.08 -7.01
N ILE A 197 -2.37 -36.42 -6.42
CA ILE A 197 -3.24 -35.42 -5.79
C ILE A 197 -2.55 -34.75 -4.62
N ASN A 198 -1.88 -35.52 -3.78
CA ASN A 198 -1.13 -34.97 -2.66
C ASN A 198 -0.07 -33.95 -3.13
N ASN A 199 0.57 -34.24 -4.26
CA ASN A 199 1.60 -33.36 -4.80
C ASN A 199 1.03 -32.04 -5.28
N VAL A 200 -0.11 -32.08 -5.97
CA VAL A 200 -0.75 -30.82 -6.38
C VAL A 200 -1.24 -30.03 -5.17
N ASN A 201 -1.81 -30.71 -4.17
CA ASN A 201 -2.22 -30.00 -2.96
C ASN A 201 -1.06 -29.32 -2.27
N ASN A 202 0.08 -30.01 -2.25
CA ASN A 202 1.34 -29.39 -1.83
C ASN A 202 1.67 -28.11 -2.58
N ASN A 203 1.51 -28.15 -3.90
CA ASN A 203 1.78 -26.99 -4.72
C ASN A 203 0.84 -25.85 -4.40
N VAL A 204 -0.43 -26.16 -4.12
CA VAL A 204 -1.37 -25.15 -3.68
C VAL A 204 -0.95 -24.58 -2.31
N ASN A 205 -0.55 -25.47 -1.42
CA ASN A 205 -0.10 -25.05 -0.08
C ASN A 205 1.11 -24.14 -0.15
N GLU A 206 2.04 -24.45 -1.04
CA GLU A 206 3.25 -23.66 -1.21
C GLU A 206 2.91 -22.25 -1.69
N LEU A 207 2.02 -22.18 -2.68
CA LEU A 207 1.56 -20.89 -3.17
C LEU A 207 0.82 -20.14 -2.08
N ALA A 208 -0.04 -20.82 -1.32
CA ALA A 208 -0.77 -20.20 -0.23
C ALA A 208 0.18 -19.56 0.78
N ASN A 209 1.31 -20.20 1.02
CA ASN A 209 2.30 -19.73 1.98
C ASN A 209 3.14 -18.56 1.49
N ASN A 210 3.09 -18.28 0.19
N ASN A 210 3.06 -18.27 0.20
CA ASN A 210 3.83 -17.15 -0.40
CA ASN A 210 3.82 -17.17 -0.37
C ASN A 210 2.94 -15.99 -0.86
C ASN A 210 2.95 -16.02 -0.90
N ALA A 211 1.65 -16.25 -1.06
CA ALA A 211 0.75 -15.19 -1.52
C ALA A 211 0.44 -14.20 -0.41
N VAL A 212 0.27 -12.95 -0.79
CA VAL A 212 -0.27 -11.95 0.09
C VAL A 212 -1.79 -12.22 0.11
N LYS A 213 -2.34 -12.30 1.32
CA LYS A 213 -3.74 -12.68 1.48
C LYS A 213 -4.57 -11.67 2.28
N TYR A 214 -5.84 -11.57 1.92
CA TYR A 214 -6.76 -10.84 2.76
C TYR A 214 -6.91 -11.68 4.04
N ASP A 215 -7.13 -11.01 5.15
CA ASP A 215 -7.25 -11.66 6.45
C ASP A 215 -8.49 -12.53 6.56
N ASP A 216 -9.57 -12.16 5.88
CA ASP A 216 -10.80 -12.88 5.98
C ASP A 216 -11.67 -12.61 4.76
N ALA A 217 -12.87 -13.21 4.75
CA ALA A 217 -13.76 -13.12 3.58
C ALA A 217 -14.26 -11.70 3.26
N SER A 218 -14.24 -10.81 4.23
CA SER A 218 -14.66 -9.42 4.04
C SER A 218 -13.71 -8.66 3.11
N LYS A 219 -12.46 -9.09 3.07
CA LYS A 219 -11.42 -8.35 2.34
C LYS A 219 -11.20 -6.91 2.77
N ASP A 220 -11.60 -6.55 4.00
CA ASP A 220 -11.45 -5.21 4.48
C ASP A 220 -10.12 -4.95 5.18
N LYS A 221 -9.32 -5.99 5.31
CA LYS A 221 -8.00 -5.85 5.93
C LYS A 221 -7.00 -6.89 5.47
N ILE A 222 -5.77 -6.43 5.25
CA ILE A 222 -4.63 -7.27 4.94
C ILE A 222 -3.58 -6.96 6.01
N THR A 223 -3.23 -7.97 6.81
CA THR A 223 -2.20 -7.79 7.82
C THR A 223 -0.99 -8.51 7.25
N LEU A 224 0.04 -7.73 6.94
CA LEU A 224 1.20 -8.31 6.28
C LEU A 224 1.98 -9.18 7.25
N GLY A 225 2.58 -10.24 6.73
CA GLY A 225 3.18 -11.29 7.57
C GLY A 225 4.62 -11.17 8.02
N GLY A 226 5.23 -10.02 7.78
CA GLY A 226 6.62 -9.77 8.15
C GLY A 226 6.63 -9.65 9.67
N GLY A 227 7.77 -9.54 10.27
CA GLY A 227 7.77 -9.48 11.74
C GLY A 227 7.50 -8.13 12.35
N ALA A 228 8.21 -7.91 13.46
CA ALA A 228 7.98 -6.79 14.32
C ALA A 228 8.14 -5.45 13.65
N THR A 229 9.05 -5.33 12.67
CA THR A 229 9.23 -4.03 12.02
C THR A 229 8.38 -3.90 10.76
N GLY A 230 7.61 -4.92 10.45
CA GLY A 230 6.67 -4.87 9.31
C GLY A 230 7.23 -5.43 8.02
N THR A 231 6.44 -5.28 6.98
CA THR A 231 6.77 -5.77 5.65
C THR A 231 6.91 -4.54 4.78
N THR A 232 8.03 -4.43 4.06
CA THR A 232 8.16 -3.34 3.09
C THR A 232 7.31 -3.66 1.86
N ILE A 233 6.59 -2.68 1.34
CA ILE A 233 6.01 -2.80 -0.01
C ILE A 233 6.76 -1.79 -0.85
N THR A 234 7.35 -2.25 -1.96
CA THR A 234 8.07 -1.35 -2.84
C THR A 234 7.67 -1.54 -4.31
N ASN A 235 8.17 -0.62 -5.12
CA ASN A 235 7.73 -0.42 -6.51
C ASN A 235 6.27 0.00 -6.55
N VAL A 236 5.88 0.79 -5.56
CA VAL A 236 4.55 1.38 -5.52
C VAL A 236 4.52 2.64 -6.40
N LYS A 237 3.65 2.66 -7.38
CA LYS A 237 3.48 3.84 -8.23
C LYS A 237 2.91 5.01 -7.43
N ASP A 238 3.37 6.22 -7.75
CA ASP A 238 2.88 7.46 -7.13
C ASP A 238 1.34 7.44 -7.13
N GLY A 239 0.74 7.58 -5.96
CA GLY A 239 -0.72 7.63 -5.89
C GLY A 239 -1.23 9.02 -6.24
N THR A 240 -2.45 9.10 -6.77
CA THR A 240 -3.05 10.41 -7.00
C THR A 240 -3.31 11.14 -5.69
N VAL A 241 -2.75 12.34 -5.55
CA VAL A 241 -2.91 13.16 -4.36
C VAL A 241 -4.05 14.14 -4.63
N ALA A 242 -5.24 13.71 -4.22
CA ALA A 242 -6.48 14.45 -4.44
C ALA A 242 -7.40 14.16 -3.28
N GLN A 243 -8.32 15.07 -3.00
N GLN A 243 -8.34 15.06 -3.03
CA GLN A 243 -9.29 14.81 -1.93
CA GLN A 243 -9.35 14.81 -1.99
C GLN A 243 -10.00 13.48 -2.15
C GLN A 243 -10.00 13.45 -2.17
N GLY A 244 -10.02 12.64 -1.10
CA GLY A 244 -10.66 11.32 -1.16
C GLY A 244 -9.96 10.20 -1.90
N SER A 245 -8.75 10.45 -2.42
CA SER A 245 -8.03 9.42 -3.16
C SER A 245 -7.76 8.23 -2.24
N LYS A 246 -8.02 7.03 -2.74
N LYS A 246 -8.03 7.03 -2.72
CA LYS A 246 -7.72 5.81 -2.03
CA LYS A 246 -7.69 5.82 -1.99
C LYS A 246 -6.49 5.12 -2.62
C LYS A 246 -6.48 5.11 -2.61
N ASP A 247 -5.68 5.85 -3.37
CA ASP A 247 -4.41 5.31 -3.88
C ASP A 247 -3.37 5.30 -2.73
N ALA A 248 -2.59 4.23 -2.65
CA ALA A 248 -1.41 4.24 -1.78
C ALA A 248 -0.42 5.30 -2.26
N VAL A 249 0.31 5.91 -1.33
CA VAL A 249 1.35 6.89 -1.64
C VAL A 249 2.70 6.31 -1.24
N ASN A 250 3.77 6.84 -1.80
CA ASN A 250 5.10 6.30 -1.53
C ASN A 250 6.05 7.31 -0.90
N GLY A 251 7.25 6.82 -0.59
CA GLY A 251 8.23 7.60 0.13
C GLY A 251 8.71 8.82 -0.60
N GLY A 252 8.70 8.78 -1.93
CA GLY A 252 9.09 9.93 -2.72
C GLY A 252 8.06 11.04 -2.65
N GLN A 253 6.80 10.65 -2.61
CA GLN A 253 5.74 11.62 -2.43
C GLN A 253 5.78 12.23 -1.04
N LEU A 254 6.04 11.42 -0.03
CA LEU A 254 6.15 11.95 1.33
C LEU A 254 7.39 12.86 1.43
N TRP A 255 8.48 12.49 0.73
CA TRP A 255 9.70 13.27 0.75
C TRP A 255 9.46 14.66 0.18
N ASN A 256 8.73 14.75 -0.94
CA ASN A 256 8.36 16.05 -1.48
C ASN A 256 7.65 16.94 -0.47
N VAL A 257 6.69 16.37 0.25
CA VAL A 257 5.99 17.12 1.28
C VAL A 257 6.96 17.52 2.39
N GLN A 258 7.79 16.57 2.82
CA GLN A 258 8.77 16.84 3.88
C GLN A 258 9.70 18.01 3.53
N GLN A 259 10.10 18.13 2.26
CA GLN A 259 10.99 19.21 1.86
C GLN A 259 10.30 20.57 2.07
N GLN A 260 9.02 20.66 1.71
N GLN A 260 9.02 20.66 1.71
CA GLN A 260 8.25 21.90 1.89
CA GLN A 260 8.26 21.91 1.86
C GLN A 260 8.12 22.24 3.36
C GLN A 260 8.05 22.24 3.35
N VAL A 261 7.82 21.23 4.17
CA VAL A 261 7.63 21.41 5.61
C VAL A 261 8.93 21.91 6.25
N ASP A 262 10.05 21.33 5.85
CA ASP A 262 11.35 21.75 6.37
C ASP A 262 11.64 23.21 5.99
N GLN A 263 11.33 23.59 4.75
CA GLN A 263 11.54 24.96 4.31
C GLN A 263 10.68 25.93 5.11
N ASN A 264 9.43 25.53 5.36
CA ASN A 264 8.52 26.31 6.20
C ASN A 264 9.04 26.46 7.62
N THR A 265 9.57 25.37 8.18
CA THR A 265 10.13 25.40 9.53
C THR A 265 11.30 26.37 9.60
N THR A 266 12.19 26.29 8.62
CA THR A 266 13.34 27.18 8.52
C THR A 266 12.93 28.64 8.39
N ASP A 267 11.95 28.91 7.52
CA ASP A 267 11.49 30.28 7.29
C ASP A 267 10.85 30.86 8.54
N ILE A 268 10.04 30.07 9.24
CA ILE A 268 9.44 30.49 10.50
C ILE A 268 10.51 30.83 11.55
N SER A 269 11.52 29.98 11.67
CA SER A 269 12.61 30.24 12.60
C SER A 269 13.33 31.53 12.22
N ASN A 270 13.62 31.71 10.94
CA ASN A 270 14.30 32.92 10.47
C ASN A 270 13.47 34.18 10.79
N ILE A 271 12.15 34.13 10.56
CA ILE A 271 11.24 35.25 10.87
C ILE A 271 11.30 35.61 12.34
N LYS A 272 11.07 34.62 13.20
CA LYS A 272 11.06 34.85 14.65
C LYS A 272 12.39 35.43 15.13
N ASN A 273 13.51 34.86 14.66
CA ASN A 273 14.82 35.33 15.09
C ASN A 273 15.10 36.76 14.62
N ASP A 274 14.77 37.05 13.37
CA ASP A 274 14.99 38.38 12.80
C ASP A 274 14.13 39.45 13.47
N ILE A 275 12.89 39.10 13.79
CA ILE A 275 12.03 40.02 14.55
C ILE A 275 12.63 40.27 15.93
N ASN A 276 13.03 39.19 16.60
CA ASN A 276 13.58 39.32 17.95
C ASN A 276 14.89 40.09 17.96
N ASN A 277 15.72 39.86 16.94
CA ASN A 277 17.02 40.52 16.83
C ASN A 277 16.96 41.92 16.22
N GLY A 278 15.80 42.31 15.69
CA GLY A 278 15.63 43.64 15.12
C GLY A 278 16.33 43.82 13.78
N THR A 279 16.38 42.78 12.96
CA THR A 279 17.11 42.84 11.70
C THR A 279 16.23 42.76 10.46
N VAL A 280 14.92 42.89 10.65
CA VAL A 280 13.97 42.92 9.55
C VAL A 280 12.88 43.95 9.84
N GLY A 281 12.36 44.55 8.79
CA GLY A 281 11.22 45.46 8.91
C GLY A 281 11.68 46.90 9.04
N LEU A 282 10.70 47.78 9.21
CA LEU A 282 10.96 49.22 9.21
C LEU A 282 11.86 49.68 10.35
N VAL A 283 11.73 49.10 11.54
CA VAL A 283 12.52 49.54 12.67
C VAL A 283 13.54 48.46 12.99
N GLN A 284 14.82 48.84 12.96
CA GLN A 284 15.89 47.88 13.14
C GLN A 284 16.95 48.38 14.12
N GLN A 285 17.75 47.45 14.63
CA GLN A 285 18.89 47.76 15.46
C GLN A 285 19.91 46.63 15.29
N ALA A 286 21.13 47.00 14.93
CA ALA A 286 22.21 46.05 14.67
C ALA A 286 22.93 45.65 15.95
N GLY A 287 22.23 44.98 16.86
CA GLY A 287 22.84 44.59 18.12
C GLY A 287 22.51 45.54 19.25
N LYS A 288 22.83 45.12 20.47
CA LYS A 288 22.22 45.71 21.67
C LYS A 288 22.66 47.13 22.01
N ASP A 289 23.82 47.58 21.52
CA ASP A 289 24.31 48.93 21.79
C ASP A 289 24.27 49.88 20.59
N ALA A 290 23.66 49.45 19.49
CA ALA A 290 23.67 50.21 18.25
C ALA A 290 22.49 51.21 18.17
N PRO A 291 22.59 52.18 17.25
CA PRO A 291 21.41 53.02 17.02
C PRO A 291 20.19 52.21 16.58
N VAL A 292 19.01 52.71 16.95
CA VAL A 292 17.76 52.19 16.43
C VAL A 292 17.40 53.05 15.21
N THR A 293 17.16 52.40 14.08
CA THR A 293 16.85 53.11 12.84
C THR A 293 15.38 52.91 12.47
N VAL A 294 14.74 54.00 12.04
CA VAL A 294 13.35 53.98 11.60
C VAL A 294 13.29 54.28 10.10
N ALA A 295 12.92 53.26 9.33
CA ALA A 295 12.71 53.35 7.89
C ALA A 295 13.94 53.88 7.16
N LYS A 296 15.10 53.32 7.50
CA LYS A 296 16.36 53.81 6.94
C LYS A 296 16.48 53.58 5.43
N ASP A 297 15.81 52.56 4.91
CA ASP A 297 15.97 52.22 3.49
C ASP A 297 14.77 52.60 2.63
N THR A 298 13.91 53.45 3.15
CA THR A 298 12.84 54.04 2.33
C THR A 298 12.88 55.55 2.47
N GLY A 299 12.01 56.23 1.72
CA GLY A 299 11.98 57.68 1.67
C GLY A 299 10.82 58.29 2.42
N GLY A 300 10.34 59.44 1.93
CA GLY A 300 9.32 60.20 2.64
C GLY A 300 9.97 61.13 3.64
N THR A 301 9.21 62.11 4.11
CA THR A 301 9.76 63.17 4.95
C THR A 301 9.00 63.33 6.25
N THR A 302 8.25 62.30 6.66
CA THR A 302 7.43 62.37 7.86
C THR A 302 7.38 61.06 8.65
N VAL A 303 7.48 61.20 9.97
CA VAL A 303 7.13 60.14 10.92
C VAL A 303 6.00 60.71 11.77
N ASN A 304 4.87 60.03 11.78
CA ASN A 304 3.69 60.50 12.51
C ASN A 304 3.40 59.55 13.68
N VAL A 305 3.45 60.08 14.89
CA VAL A 305 3.32 59.28 16.09
C VAL A 305 1.94 59.41 16.74
N ALA A 306 1.00 60.06 16.05
CA ALA A 306 -0.37 60.20 16.55
C ALA A 306 -1.15 58.89 16.44
N GLY A 307 -2.13 58.71 17.33
CA GLY A 307 -2.93 57.51 17.35
C GLY A 307 -4.40 57.86 17.53
N THR A 308 -5.19 56.87 17.88
CA THR A 308 -6.65 57.06 17.99
C THR A 308 -7.06 57.92 19.18
N ASP A 309 -6.14 58.17 20.11
CA ASP A 309 -6.35 59.08 21.23
C ASP A 309 -5.68 60.43 20.98
N GLY A 310 -5.35 60.72 19.72
CA GLY A 310 -4.73 61.98 19.36
C GLY A 310 -3.21 61.91 19.41
N ASN A 311 -2.60 63.08 19.56
CA ASN A 311 -1.14 63.25 19.57
C ASN A 311 -0.52 62.56 20.77
N ARG A 312 0.73 62.14 20.63
CA ARG A 312 1.42 61.42 21.70
C ARG A 312 2.64 62.20 22.17
N VAL A 313 2.88 62.15 23.48
CA VAL A 313 4.12 62.68 24.03
C VAL A 313 5.22 61.71 23.65
N VAL A 314 6.35 62.24 23.17
CA VAL A 314 7.51 61.39 22.88
C VAL A 314 8.44 61.64 24.04
N THR A 315 8.68 60.60 24.84
CA THR A 315 9.50 60.71 26.04
C THR A 315 10.65 59.72 25.96
N GLY A 316 11.53 59.75 26.97
CA GLY A 316 12.74 58.95 26.94
C GLY A 316 13.80 59.59 26.05
N VAL A 317 13.62 60.89 25.80
CA VAL A 317 14.45 61.63 24.86
C VAL A 317 15.62 62.32 25.56
N LYS A 318 16.83 61.88 25.23
CA LYS A 318 18.04 62.49 25.74
C LYS A 318 18.25 63.84 25.07
N GLU A 319 18.91 64.75 25.79
N GLU A 319 18.91 64.76 25.78
CA GLU A 319 19.12 66.10 25.29
CA GLU A 319 19.15 66.10 25.29
C GLU A 319 19.84 66.09 23.94
C GLU A 319 19.84 66.06 23.92
N GLY A 320 19.33 66.86 22.98
CA GLY A 320 19.90 66.95 21.64
C GLY A 320 21.02 67.97 21.53
N ALA A 321 21.91 67.78 20.56
CA ALA A 321 22.93 68.79 20.30
C ALA A 321 22.27 70.10 19.89
N VAL A 322 22.80 71.22 20.38
CA VAL A 322 22.27 72.53 20.07
C VAL A 322 23.33 73.30 19.28
N ASN A 323 23.15 73.33 17.97
CA ASN A 323 24.00 74.08 17.06
C ASN A 323 23.27 74.19 15.74
N ALA A 324 23.80 75.01 14.83
CA ALA A 324 23.09 75.34 13.60
C ALA A 324 22.88 74.18 12.60
N THR A 325 23.60 73.08 12.77
CA THR A 325 23.43 71.90 11.91
C THR A 325 22.73 70.71 12.59
N SER A 326 22.29 70.88 13.84
CA SER A 326 21.75 69.76 14.62
C SER A 326 20.43 69.26 14.06
N LYS A 327 20.35 67.95 13.86
CA LYS A 327 19.10 67.30 13.51
C LYS A 327 18.60 66.43 14.68
N ASP A 328 19.02 66.78 15.90
CA ASP A 328 18.55 66.10 17.11
C ASP A 328 17.29 66.77 17.65
N ALA A 329 16.30 65.99 18.05
CA ALA A 329 15.17 66.54 18.80
C ALA A 329 15.69 67.16 20.11
N VAL A 330 15.00 68.18 20.59
CA VAL A 330 15.33 68.77 21.88
C VAL A 330 14.24 68.44 22.89
N ASN A 331 14.61 68.30 24.16
CA ASN A 331 13.62 67.96 25.17
C ASN A 331 13.19 69.15 26.02
N GLY A 332 12.24 68.91 26.90
CA GLY A 332 11.68 69.96 27.74
C GLY A 332 12.65 70.57 28.75
N SER A 333 13.71 69.85 29.11
CA SER A 333 14.76 70.39 29.97
C SER A 333 15.51 71.49 29.24
N GLN A 334 15.73 71.27 27.94
CA GLN A 334 16.45 72.23 27.12
C GLN A 334 15.58 73.46 26.88
N LEU A 335 14.32 73.25 26.51
CA LEU A 335 13.42 74.39 26.37
C LEU A 335 13.26 75.14 27.70
N ASN A 336 13.22 74.41 28.81
CA ASN A 336 13.11 75.02 30.14
C ASN A 336 14.26 75.99 30.40
N THR A 337 15.47 75.54 30.09
CA THR A 337 16.66 76.36 30.23
C THR A 337 16.55 77.67 29.44
N THR A 338 16.06 77.59 28.22
CA THR A 338 15.85 78.80 27.42
C THR A 338 14.82 79.72 28.05
N ASN A 339 13.68 79.15 28.43
CA ASN A 339 12.59 79.92 29.01
C ASN A 339 13.01 80.63 30.28
N GLN A 340 13.80 79.94 31.10
CA GLN A 340 14.28 80.51 32.35
C GLN A 340 15.25 81.66 32.09
N ALA A 341 16.14 81.50 31.12
CA ALA A 341 17.03 82.58 30.71
C ALA A 341 16.25 83.82 30.28
N VAL A 342 15.24 83.62 29.44
CA VAL A 342 14.41 84.72 28.94
C VAL A 342 13.81 85.53 30.09
N VAL A 343 13.14 84.84 31.00
CA VAL A 343 12.44 85.53 32.10
C VAL A 343 13.43 86.08 33.12
N ASN A 344 14.47 85.32 33.45
CA ASN A 344 15.48 85.79 34.41
C ASN A 344 16.22 87.02 33.90
N TYR A 345 16.58 87.02 32.63
CA TYR A 345 17.41 88.11 32.11
C TYR A 345 16.59 89.35 31.75
N LEU A 346 15.32 89.18 31.41
CA LEU A 346 14.42 90.32 31.23
C LEU A 346 14.10 90.96 32.57
N GLY A 347 13.94 90.13 33.61
CA GLY A 347 13.52 90.60 34.92
C GLY A 347 12.18 91.31 34.84
N GLY A 348 11.96 92.28 35.73
CA GLY A 348 10.74 93.09 35.69
C GLY A 348 9.47 92.32 35.99
N GLY A 349 9.60 91.20 36.70
CA GLY A 349 8.46 90.35 37.04
C GLY A 349 8.02 89.42 35.91
N ALA A 350 8.77 89.38 34.82
CA ALA A 350 8.47 88.44 33.73
C ALA A 350 8.51 87.02 34.28
N GLY A 351 7.70 86.14 33.71
CA GLY A 351 7.59 84.78 34.20
C GLY A 351 7.19 83.78 33.14
N TYR A 352 7.42 82.50 33.45
CA TYR A 352 6.96 81.39 32.63
C TYR A 352 6.16 80.42 33.50
N ASP A 353 4.91 80.18 33.12
CA ASP A 353 4.05 79.20 33.79
C ASP A 353 4.17 77.86 33.05
N ASN A 354 4.79 76.90 33.72
CA ASN A 354 5.14 75.59 33.13
C ASN A 354 3.90 74.72 32.92
N ILE A 355 2.81 75.03 33.61
CA ILE A 355 1.59 74.23 33.54
C ILE A 355 0.75 74.64 32.34
N THR A 356 0.50 75.94 32.21
CA THR A 356 -0.24 76.48 31.07
C THR A 356 0.63 76.64 29.84
N GLY A 357 1.95 76.66 30.03
CA GLY A 357 2.89 76.91 28.95
C GLY A 357 2.85 78.35 28.44
N SER A 358 2.52 79.28 29.33
CA SER A 358 2.39 80.70 28.97
C SER A 358 3.36 81.58 29.73
N PHE A 359 3.86 82.60 29.04
CA PHE A 359 4.70 83.63 29.65
C PHE A 359 3.86 84.78 30.22
N THR A 360 4.44 85.48 31.20
CA THR A 360 3.90 86.73 31.74
C THR A 360 4.91 87.81 31.41
N ALA A 361 4.42 88.95 30.91
CA ALA A 361 5.30 90.01 30.44
C ALA A 361 5.99 90.72 31.60
N PRO A 362 7.17 91.31 31.33
CA PRO A 362 7.80 92.16 32.32
C PRO A 362 7.03 93.47 32.46
N SER A 363 7.23 94.15 33.58
CA SER A 363 6.65 95.46 33.81
C SER A 363 7.77 96.42 34.22
N TYR A 364 8.07 97.37 33.36
CA TYR A 364 9.14 98.34 33.60
C TYR A 364 8.52 99.71 33.86
N THR A 365 8.91 100.32 34.97
CA THR A 365 8.42 101.66 35.32
C THR A 365 9.44 102.71 34.87
N VAL A 366 8.97 103.68 34.09
CA VAL A 366 9.77 104.85 33.73
C VAL A 366 8.90 106.09 33.97
N GLY A 367 9.29 106.88 34.97
CA GLY A 367 8.54 108.07 35.35
C GLY A 367 7.16 107.71 35.89
N ASP A 368 6.13 108.14 35.17
CA ASP A 368 4.74 107.97 35.62
C ASP A 368 3.98 106.87 34.86
N SER A 369 4.70 106.12 34.02
CA SER A 369 4.10 105.07 33.20
C SER A 369 4.79 103.72 33.37
N LYS A 370 4.09 102.65 32.99
CA LYS A 370 4.61 101.28 33.01
C LYS A 370 4.65 100.75 31.59
N TYR A 371 5.70 99.99 31.28
CA TYR A 371 5.89 99.42 29.95
C TYR A 371 6.06 97.91 30.02
N ASN A 372 5.45 97.20 29.07
CA ASN A 372 5.45 95.73 29.05
C ASN A 372 6.50 95.13 28.11
N ASN A 373 7.44 95.96 27.67
CA ASN A 373 8.52 95.53 26.80
C ASN A 373 9.71 96.49 26.89
N VAL A 374 10.90 95.98 26.61
CA VAL A 374 12.14 96.75 26.81
C VAL A 374 12.19 98.00 25.93
N GLY A 375 11.82 97.84 24.66
CA GLY A 375 11.80 98.96 23.70
C GLY A 375 11.00 100.16 24.15
N GLY A 376 9.85 99.92 24.79
CA GLY A 376 8.99 100.99 25.27
C GLY A 376 9.66 101.73 26.41
N ALA A 377 10.24 100.97 27.33
CA ALA A 377 10.97 101.55 28.46
C ALA A 377 12.17 102.38 27.99
N ILE A 378 12.93 101.85 27.02
CA ILE A 378 14.08 102.56 26.48
C ILE A 378 13.66 103.87 25.78
N ASP A 379 12.53 103.83 25.08
CA ASP A 379 11.99 105.02 24.44
C ASP A 379 11.63 106.07 25.50
N ALA A 380 10.91 105.64 26.53
CA ALA A 380 10.53 106.53 27.64
C ALA A 380 11.75 107.12 28.35
N LEU A 381 12.79 106.32 28.50
CA LEU A 381 14.04 106.79 29.12
C LEU A 381 14.78 107.79 28.22
N ASN A 382 14.69 107.59 26.91
CA ASN A 382 15.28 108.52 25.96
C ASN A 382 14.56 109.88 26.02
N GLN A 383 13.23 109.83 26.05
CA GLN A 383 12.42 111.04 26.19
C GLN A 383 12.72 111.79 27.49
N ALA A 384 12.92 111.03 28.58
CA ALA A 384 13.26 111.61 29.88
C ALA A 384 14.59 112.37 29.84
N ASP A 385 15.59 111.77 29.21
CA ASP A 385 16.90 112.41 29.06
C ASP A 385 16.82 113.70 28.24
N GLN A 386 16.05 113.64 27.15
CA GLN A 386 15.83 114.82 26.30
C GLN A 386 15.04 115.93 27.01
N ALA A 387 14.07 115.53 27.83
CA ALA A 387 13.28 116.47 28.62
C ALA A 387 14.11 117.07 29.77
N LEU A 388 14.95 116.24 30.38
CA LEU A 388 15.90 116.70 31.39
C LEU A 388 16.87 117.71 30.79
N ASN A 389 17.36 117.40 29.58
CA ASN A 389 18.27 118.30 28.88
C ASN A 389 17.67 119.68 28.66
N SER A 390 16.42 119.72 28.25
CA SER A 390 15.68 120.98 28.08
C SER A 390 15.49 121.70 29.41
N LYS A 391 15.25 120.93 30.48
CA LYS A 391 15.10 121.49 31.82
C LYS A 391 16.42 122.10 32.31
N ILE A 392 17.54 121.58 31.82
CA ILE A 392 18.86 122.12 32.12
C ILE A 392 19.18 123.29 31.19
N ASP A 393 18.90 123.12 29.90
CA ASP A 393 19.15 124.17 28.91
C ASP A 393 18.26 125.40 29.12
N ASN A 394 17.10 125.20 29.74
CA ASN A 394 16.22 126.31 30.09
C ASN A 394 16.65 127.00 31.39
N VAL A 395 17.64 126.45 32.08
CA VAL A 395 18.29 127.15 33.19
C VAL A 395 19.11 128.32 32.65
N SER A 396 19.82 128.09 31.55
CA SER A 396 20.62 129.13 30.90
C SER A 396 19.82 130.40 30.61
N ASN A 397 18.57 130.25 30.17
CA ASN A 397 17.68 131.38 29.96
C ASN A 397 17.33 132.09 31.28
N LYS A 398 17.07 131.29 32.32
CA LYS A 398 16.77 131.84 33.65
C LYS A 398 18.05 132.18 34.45
N LEU A 399 19.20 131.75 33.95
CA LEU A 399 20.50 132.01 34.61
C LEU A 399 21.18 133.23 34.00
N ASP A 400 21.14 133.36 32.68
CA ASP A 400 21.72 134.53 31.99
C ASP A 400 20.92 135.80 32.25
N ASN A 401 19.71 135.68 32.81
CA ASN A 401 18.98 136.81 33.34
C ASN A 401 19.68 137.40 34.57
N ALA A 402 20.07 136.53 35.50
CA ALA A 402 20.82 136.94 36.69
C ALA A 402 22.20 137.51 36.34
N PHE A 403 22.71 137.19 35.17
CA PHE A 403 23.94 137.78 34.64
C PHE A 403 23.66 139.05 33.84
N ARG A 404 22.42 139.18 33.35
CA ARG A 404 21.97 140.39 32.62
C ARG A 404 21.44 141.47 33.56
N ILE A 405 20.49 141.11 34.43
CA ILE A 405 19.83 142.07 35.31
C ILE A 405 20.80 142.74 36.29
N THR A 406 21.84 142.02 36.67
CA THR A 406 22.87 142.55 37.56
C THR A 406 23.94 143.34 36.80
N ASN A 407 23.99 143.16 35.49
CA ASN A 407 24.90 143.94 34.62
C ASN A 407 24.34 145.32 34.30
N ASN A 408 23.11 145.60 34.74
CA ASN A 408 22.54 146.95 34.67
C ASN A 408 23.31 147.95 35.54
N ARG A 409 23.94 147.44 36.58
CA ARG A 409 24.78 148.26 37.46
C ARG A 409 26.06 148.71 36.74
N ILE A 410 26.71 147.76 36.06
CA ILE A 410 27.93 148.04 35.30
C ILE A 410 27.62 148.04 33.80
#